data_1RQG
#
_entry.id   1RQG
#
_cell.length_a   113.150
_cell.length_b   113.150
_cell.length_c   287.016
_cell.angle_alpha   90.00
_cell.angle_beta   90.00
_cell.angle_gamma   90.00
#
_symmetry.space_group_name_H-M   'I 41 2 2'
#
loop_
_entity.id
_entity.type
_entity.pdbx_description
1 polymer 'Methionyl-tRNA synthetase'
2 non-polymer 'ZINC ION'
3 water water
#
_entity_poly.entity_id   1
_entity_poly.type   'polypeptide(L)'
_entity_poly.pdbx_seq_one_letter_code
;MVRYMVTSALPYANGPIHAGHLAGAYLPADIFVRYLRLKGEDVVFICGTDEHGTPISFRALKEGRSPREIVDEFHEQIKI
TFQRAKISFDFFGRTELPIHYKLSQEFFLKAYENGHLVKKVTKQAYCEHDKMFLPDRFVIGTCPYCGAEDQKGDQCEVCG
RPLTPEILINPRCAICGRPISFRDSAHYYIKMQDFAERLKRWIEKQPWKPNVKNMVLSWIEEGLEERAITRDLNWGIPVP
LDEEDMKGKVLYVWFEAPIGYISITIEHFKRIGKPNEWKKYWLNIDGQTRVIHFIGKDNIPFHAIFWPAFLMAYGKYKDE
EVEAEWNLPYDIPANEYLTLEGKKFSTSRNWAIWVHEFLDVFPADYLRYYLTTIMPETRDSDFSFSDFKVRINEELVNNL
GNFVHRALTFVNRYFDGVVPERGELDELDREALEEIEKAFKEVGELIMNYRFKDALKRVMSLASFGNRYFDHKQPWKTAK
EDKVRTGTTVNISLQIVKALGILLEPFLPDASEKIWHLLNLDEVKRWEFRELPAGHKVRKPEILFKKVTDDQIIYFILNY
MAKGNPEGARILLDKYYKREDVIRVAKEKFGDEAEVVLRRVYKDIKLKEKKEGKEMYVKFDDFAKLDLRVGKIIEVKDHP
NADKLYVVKVDLGDEVRTLVAGLKKYYKPEELLNRYVVVVANLEPKKLRGIGSQGMLLAADDGERVALLMPDKEVKLGAK
VR
;
_entity_poly.pdbx_strand_id   A
#
# COMPACT_ATOMS: atom_id res chain seq x y z
N MET A 1 20.64 -0.72 19.31
CA MET A 1 19.94 0.09 18.28
C MET A 1 19.41 -0.79 17.17
N VAL A 2 18.08 -0.85 17.07
CA VAL A 2 17.39 -1.64 16.05
C VAL A 2 17.50 -0.98 14.68
N ARG A 3 17.40 -1.79 13.66
CA ARG A 3 17.41 -1.35 12.28
C ARG A 3 16.07 -1.92 11.83
N TYR A 4 15.50 -1.42 10.74
CA TYR A 4 14.22 -1.97 10.32
C TYR A 4 14.19 -2.48 8.89
N MET A 5 13.67 -3.68 8.72
CA MET A 5 13.52 -4.27 7.40
C MET A 5 12.03 -4.21 7.12
N VAL A 6 11.59 -3.16 6.42
CA VAL A 6 10.17 -2.99 6.10
C VAL A 6 9.77 -3.40 4.69
N THR A 7 8.66 -4.12 4.59
CA THR A 7 8.18 -4.54 3.29
C THR A 7 6.70 -4.24 3.18
N SER A 8 6.16 -4.38 1.98
CA SER A 8 4.73 -4.19 1.68
C SER A 8 4.36 -5.44 0.88
N ALA A 9 3.17 -5.98 1.09
CA ALA A 9 2.76 -7.18 0.35
C ALA A 9 2.97 -6.99 -1.15
N LEU A 10 3.65 -7.93 -1.78
CA LEU A 10 3.91 -7.86 -3.21
C LEU A 10 2.62 -7.79 -4.01
N PRO A 11 2.45 -6.73 -4.80
CA PRO A 11 1.22 -6.64 -5.60
C PRO A 11 1.31 -7.62 -6.78
N TYR A 12 0.22 -8.32 -7.07
CA TYR A 12 0.22 -9.30 -8.15
C TYR A 12 0.25 -8.59 -9.52
N ALA A 13 1.14 -9.03 -10.39
CA ALA A 13 1.27 -8.43 -11.71
C ALA A 13 0.21 -8.88 -12.71
N ASN A 14 -1.06 -8.81 -12.32
CA ASN A 14 -2.15 -9.21 -13.19
C ASN A 14 -3.08 -8.04 -13.42
N GLY A 15 -2.69 -6.88 -12.89
CA GLY A 15 -3.50 -5.68 -13.03
C GLY A 15 -2.99 -4.50 -12.26
N PRO A 16 -3.66 -3.34 -12.36
CA PRO A 16 -3.26 -2.12 -11.66
C PRO A 16 -3.77 -2.10 -10.22
N ILE A 17 -3.16 -1.26 -9.40
CA ILE A 17 -3.55 -1.17 -8.01
C ILE A 17 -4.63 -0.12 -7.81
N HIS A 18 -5.48 -0.34 -6.80
CA HIS A 18 -6.56 0.56 -6.44
C HIS A 18 -6.38 1.02 -5.01
N ALA A 19 -7.09 2.08 -4.64
CA ALA A 19 -6.98 2.65 -3.28
C ALA A 19 -7.10 1.62 -2.17
N GLY A 20 -7.88 0.56 -2.38
CA GLY A 20 -7.99 -0.45 -1.36
C GLY A 20 -6.63 -1.07 -1.08
N HIS A 21 -5.88 -1.31 -2.15
CA HIS A 21 -4.55 -1.88 -2.09
C HIS A 21 -3.62 -0.89 -1.39
N LEU A 22 -3.65 0.36 -1.86
CA LEU A 22 -2.79 1.41 -1.31
C LEU A 22 -3.08 1.65 0.15
N ALA A 23 -4.35 1.97 0.44
CA ALA A 23 -4.76 2.18 1.82
C ALA A 23 -4.44 0.97 2.68
N GLY A 24 -4.57 -0.22 2.08
CA GLY A 24 -4.33 -1.45 2.79
C GLY A 24 -2.92 -1.83 3.20
N ALA A 25 -1.91 -1.55 2.37
CA ALA A 25 -0.56 -1.98 2.73
C ALA A 25 0.63 -1.14 2.26
N TYR A 26 0.39 -0.17 1.37
CA TYR A 26 1.48 0.66 0.86
C TYR A 26 1.57 2.02 1.54
N LEU A 27 0.46 2.76 1.50
CA LEU A 27 0.41 4.07 2.14
C LEU A 27 0.84 3.96 3.61
N PRO A 28 0.31 2.97 4.35
CA PRO A 28 0.70 2.83 5.76
C PRO A 28 2.22 2.68 5.86
N ALA A 29 2.74 1.69 5.14
CA ALA A 29 4.18 1.43 5.11
C ALA A 29 5.02 2.67 4.75
N ASP A 30 4.53 3.48 3.82
CA ASP A 30 5.27 4.68 3.41
C ASP A 30 5.34 5.68 4.55
N ILE A 31 4.18 5.94 5.17
CA ILE A 31 4.09 6.89 6.29
C ILE A 31 5.03 6.47 7.41
N PHE A 32 5.06 5.17 7.68
CA PHE A 32 5.91 4.60 8.72
C PHE A 32 7.41 4.75 8.38
N VAL A 33 7.78 4.32 7.19
CA VAL A 33 9.18 4.36 6.78
C VAL A 33 9.72 5.80 6.68
N ARG A 34 8.99 6.71 6.07
CA ARG A 34 9.44 8.10 5.99
C ARG A 34 9.76 8.61 7.40
N TYR A 35 8.80 8.42 8.32
CA TYR A 35 8.98 8.82 9.70
C TYR A 35 10.34 8.29 10.16
N LEU A 36 10.50 6.97 10.13
CA LEU A 36 11.73 6.33 10.56
C LEU A 36 12.96 7.00 9.97
N ARG A 37 12.88 7.42 8.71
CA ARG A 37 14.03 8.06 8.06
C ARG A 37 14.26 9.43 8.66
N LEU A 38 13.19 10.17 8.91
CA LEU A 38 13.31 11.49 9.51
C LEU A 38 13.86 11.35 10.92
N LYS A 39 13.63 10.18 11.51
CA LYS A 39 14.08 9.87 12.87
C LYS A 39 15.55 9.55 12.80
N GLY A 40 16.03 9.29 11.59
CA GLY A 40 17.43 8.97 11.38
C GLY A 40 17.71 7.49 11.56
N GLU A 41 16.66 6.73 11.85
CA GLU A 41 16.76 5.29 12.06
C GLU A 41 17.32 4.57 10.83
N ASP A 42 17.74 3.31 11.01
CA ASP A 42 18.27 2.50 9.91
C ASP A 42 17.14 1.60 9.41
N VAL A 43 16.55 1.96 8.27
CA VAL A 43 15.48 1.16 7.69
C VAL A 43 15.62 0.91 6.19
N VAL A 44 15.20 -0.27 5.75
CA VAL A 44 15.20 -0.63 4.34
C VAL A 44 13.73 -0.92 4.02
N PHE A 45 13.27 -0.38 2.89
CA PHE A 45 11.87 -0.51 2.48
C PHE A 45 11.84 -1.19 1.09
N ILE A 46 11.41 -2.45 1.08
CA ILE A 46 11.37 -3.26 -0.13
C ILE A 46 10.01 -3.72 -0.62
N CYS A 47 9.90 -3.89 -1.93
CA CYS A 47 8.68 -4.39 -2.58
C CYS A 47 8.97 -4.66 -4.07
N GLY A 48 8.03 -5.33 -4.72
CA GLY A 48 8.20 -5.64 -6.13
C GLY A 48 6.98 -6.39 -6.59
N THR A 49 6.88 -6.71 -7.87
CA THR A 49 5.70 -7.43 -8.36
C THR A 49 5.81 -8.95 -8.24
N ASP A 50 4.70 -9.57 -7.82
CA ASP A 50 4.61 -11.01 -7.72
C ASP A 50 4.25 -11.38 -9.15
N GLU A 51 5.14 -12.08 -9.84
CA GLU A 51 4.89 -12.36 -11.25
C GLU A 51 4.61 -13.80 -11.71
N HIS A 52 4.22 -14.69 -10.81
CA HIS A 52 3.94 -16.06 -11.19
C HIS A 52 2.56 -16.43 -10.70
N GLY A 53 2.18 -17.69 -10.87
CA GLY A 53 0.86 -18.11 -10.42
C GLY A 53 -0.06 -18.44 -11.58
N THR A 54 -1.13 -19.17 -11.30
CA THR A 54 -2.08 -19.57 -12.34
C THR A 54 -2.69 -18.39 -13.07
N PRO A 55 -3.27 -17.42 -12.32
CA PRO A 55 -3.91 -16.23 -12.90
C PRO A 55 -3.17 -15.63 -14.09
N ILE A 56 -1.99 -15.07 -13.83
CA ILE A 56 -1.20 -14.48 -14.87
C ILE A 56 -1.16 -15.42 -16.08
N SER A 57 -0.97 -16.71 -15.82
CA SER A 57 -0.92 -17.71 -16.88
C SER A 57 -2.24 -17.72 -17.61
N PHE A 58 -3.33 -17.76 -16.84
CA PHE A 58 -4.69 -17.75 -17.37
C PHE A 58 -4.81 -16.59 -18.37
N ARG A 59 -4.72 -15.37 -17.85
CA ARG A 59 -4.81 -14.15 -18.65
C ARG A 59 -4.02 -14.24 -19.96
N ALA A 60 -2.90 -14.94 -19.92
CA ALA A 60 -2.05 -15.09 -21.09
C ALA A 60 -2.77 -15.84 -22.21
N LEU A 61 -3.42 -16.95 -21.87
CA LEU A 61 -4.14 -17.71 -22.88
C LEU A 61 -5.29 -16.83 -23.33
N LYS A 62 -5.90 -16.15 -22.36
CA LYS A 62 -7.02 -15.26 -22.62
C LYS A 62 -6.74 -14.25 -23.73
N GLU A 63 -5.75 -13.38 -23.53
CA GLU A 63 -5.42 -12.38 -24.54
C GLU A 63 -4.39 -12.87 -25.56
N GLY A 64 -4.10 -14.17 -25.53
CA GLY A 64 -3.14 -14.71 -26.47
C GLY A 64 -1.81 -13.97 -26.42
N ARG A 65 -1.25 -13.87 -25.22
CA ARG A 65 0.02 -13.20 -24.98
C ARG A 65 0.80 -14.06 -24.00
N SER A 66 2.13 -13.96 -24.02
CA SER A 66 2.95 -14.73 -23.11
C SER A 66 2.85 -14.12 -21.71
N PRO A 67 2.92 -14.98 -20.69
CA PRO A 67 2.84 -14.51 -19.29
C PRO A 67 3.89 -13.44 -19.03
N ARG A 68 5.03 -13.55 -19.71
CA ARG A 68 6.12 -12.58 -19.55
C ARG A 68 5.70 -11.21 -20.06
N GLU A 69 5.00 -11.21 -21.19
CA GLU A 69 4.54 -9.97 -21.79
C GLU A 69 3.71 -9.19 -20.77
N ILE A 70 2.73 -9.84 -20.18
CA ILE A 70 1.89 -9.14 -19.23
C ILE A 70 2.58 -8.65 -17.95
N VAL A 71 3.44 -9.48 -17.36
CA VAL A 71 4.11 -9.04 -16.13
C VAL A 71 5.08 -7.91 -16.42
N ASP A 72 5.66 -7.89 -17.61
CA ASP A 72 6.57 -6.81 -17.97
C ASP A 72 5.75 -5.54 -18.07
N GLU A 73 4.54 -5.68 -18.58
CA GLU A 73 3.67 -4.53 -18.74
C GLU A 73 3.22 -3.98 -17.40
N PHE A 74 2.80 -4.86 -16.50
CA PHE A 74 2.32 -4.40 -15.21
C PHE A 74 3.40 -4.02 -14.21
N HIS A 75 4.60 -4.53 -14.40
CA HIS A 75 5.64 -4.16 -13.46
C HIS A 75 5.91 -2.68 -13.69
N GLU A 76 5.92 -2.29 -14.95
CA GLU A 76 6.15 -0.88 -15.32
C GLU A 76 4.99 -0.02 -14.85
N GLN A 77 3.78 -0.46 -15.18
CA GLN A 77 2.59 0.27 -14.81
C GLN A 77 2.52 0.49 -13.30
N ILE A 78 2.81 -0.54 -12.53
CA ILE A 78 2.74 -0.45 -11.08
C ILE A 78 3.90 0.30 -10.46
N LYS A 79 5.11 0.07 -10.96
CA LYS A 79 6.27 0.77 -10.42
C LYS A 79 6.10 2.28 -10.60
N ILE A 80 5.63 2.69 -11.78
CA ILE A 80 5.41 4.10 -12.05
C ILE A 80 4.27 4.62 -11.19
N THR A 81 3.23 3.81 -11.04
CA THR A 81 2.12 4.22 -10.23
C THR A 81 2.57 4.52 -8.82
N PHE A 82 3.40 3.64 -8.25
CA PHE A 82 3.90 3.86 -6.89
C PHE A 82 4.73 5.12 -6.84
N GLN A 83 5.44 5.42 -7.92
CA GLN A 83 6.25 6.63 -7.93
C GLN A 83 5.26 7.79 -7.88
N ARG A 84 4.18 7.66 -8.66
CA ARG A 84 3.16 8.68 -8.70
C ARG A 84 2.54 8.85 -7.31
N ALA A 85 2.33 7.73 -6.64
CA ALA A 85 1.76 7.70 -5.29
C ALA A 85 2.74 8.24 -4.25
N LYS A 86 4.02 8.32 -4.64
CA LYS A 86 5.06 8.83 -3.74
C LYS A 86 5.35 7.82 -2.64
N ILE A 87 5.36 6.54 -3.00
CA ILE A 87 5.66 5.46 -2.07
C ILE A 87 7.14 5.25 -2.25
N SER A 88 7.92 5.62 -1.24
CA SER A 88 9.37 5.55 -1.32
C SER A 88 10.12 4.23 -1.12
N PHE A 89 9.63 3.16 -1.74
CA PHE A 89 10.33 1.87 -1.64
C PHE A 89 11.80 2.13 -1.95
N ASP A 90 12.71 1.65 -1.09
CA ASP A 90 14.13 1.84 -1.35
C ASP A 90 14.48 1.13 -2.67
N PHE A 91 13.64 0.18 -3.05
CA PHE A 91 13.81 -0.55 -4.30
C PHE A 91 12.57 -1.38 -4.61
N PHE A 92 12.17 -1.37 -5.87
CA PHE A 92 10.99 -2.12 -6.30
C PHE A 92 11.37 -3.20 -7.31
N GLY A 93 11.60 -4.41 -6.82
CA GLY A 93 11.99 -5.50 -7.71
C GLY A 93 10.86 -6.34 -8.28
N ARG A 94 11.20 -7.56 -8.68
CA ARG A 94 10.22 -8.46 -9.26
C ARG A 94 10.67 -9.91 -9.11
N THR A 95 9.72 -10.82 -8.92
CA THR A 95 10.02 -12.23 -8.77
C THR A 95 10.44 -12.91 -10.07
N GLU A 96 10.82 -12.13 -11.06
CA GLU A 96 11.31 -12.69 -12.31
C GLU A 96 12.81 -12.59 -12.28
N LEU A 97 13.33 -11.95 -11.23
CA LEU A 97 14.76 -11.78 -11.05
C LEU A 97 15.49 -13.11 -10.89
N PRO A 98 16.60 -13.29 -11.63
CA PRO A 98 17.34 -14.55 -11.50
C PRO A 98 17.58 -14.95 -10.05
N ILE A 99 18.03 -14.01 -9.23
CA ILE A 99 18.29 -14.27 -7.81
C ILE A 99 17.06 -14.81 -7.08
N HIS A 100 15.88 -14.39 -7.48
CA HIS A 100 14.70 -14.91 -6.82
C HIS A 100 14.65 -16.41 -7.16
N TYR A 101 14.84 -16.73 -8.43
CA TYR A 101 14.80 -18.13 -8.87
C TYR A 101 15.76 -18.98 -8.06
N LYS A 102 16.94 -18.44 -7.81
CA LYS A 102 17.97 -19.15 -7.07
C LYS A 102 17.61 -19.30 -5.59
N LEU A 103 17.23 -18.22 -4.96
CA LEU A 103 16.89 -18.30 -3.55
C LEU A 103 15.67 -19.20 -3.28
N SER A 104 14.62 -19.08 -4.09
CA SER A 104 13.42 -19.90 -3.91
C SER A 104 13.79 -21.38 -4.01
N GLN A 105 14.44 -21.72 -5.12
CA GLN A 105 14.90 -23.08 -5.39
C GLN A 105 15.74 -23.66 -4.25
N GLU A 106 16.56 -22.80 -3.64
CA GLU A 106 17.41 -23.21 -2.54
C GLU A 106 16.46 -23.47 -1.39
N PHE A 107 15.57 -22.51 -1.17
CA PHE A 107 14.59 -22.63 -0.10
C PHE A 107 13.90 -23.98 -0.15
N PHE A 108 13.45 -24.35 -1.35
CA PHE A 108 12.77 -25.61 -1.55
C PHE A 108 13.71 -26.78 -1.32
N LEU A 109 14.96 -26.60 -1.75
CA LEU A 109 15.95 -27.65 -1.60
C LEU A 109 16.32 -27.84 -0.13
N LYS A 110 16.30 -26.75 0.63
CA LYS A 110 16.63 -26.82 2.06
C LYS A 110 15.54 -27.58 2.76
N ALA A 111 14.32 -27.51 2.22
CA ALA A 111 13.17 -28.20 2.79
C ALA A 111 13.25 -29.68 2.44
N TYR A 112 13.82 -29.98 1.27
CA TYR A 112 13.99 -31.35 0.86
C TYR A 112 14.93 -31.97 1.88
N GLU A 113 16.08 -31.33 1.99
CA GLU A 113 17.16 -31.71 2.88
C GLU A 113 16.87 -31.84 4.35
N ASN A 114 15.80 -31.26 4.85
CA ASN A 114 15.55 -31.41 6.26
C ASN A 114 14.29 -32.23 6.44
N GLY A 115 14.07 -33.09 5.44
CA GLY A 115 12.92 -33.97 5.40
C GLY A 115 11.63 -33.35 5.85
N HIS A 116 11.32 -32.15 5.35
CA HIS A 116 10.09 -31.47 5.70
C HIS A 116 9.14 -31.61 4.53
N LEU A 117 9.57 -32.39 3.55
CA LEU A 117 8.73 -32.58 2.38
C LEU A 117 8.28 -34.02 2.22
N VAL A 118 7.33 -34.22 1.29
CA VAL A 118 6.79 -35.54 1.02
C VAL A 118 6.17 -35.57 -0.38
N LYS A 119 6.69 -36.42 -1.25
CA LYS A 119 6.17 -36.50 -2.60
C LYS A 119 4.84 -37.21 -2.47
N LYS A 120 3.91 -36.91 -3.36
CA LYS A 120 2.62 -37.57 -3.32
C LYS A 120 1.99 -37.54 -4.69
N VAL A 121 1.30 -38.60 -5.05
CA VAL A 121 0.63 -38.65 -6.34
C VAL A 121 -0.86 -38.53 -6.14
N THR A 122 -1.44 -37.58 -6.84
CA THR A 122 -2.85 -37.36 -6.73
C THR A 122 -3.44 -37.40 -8.11
N LYS A 123 -4.73 -37.67 -8.12
CA LYS A 123 -5.48 -37.69 -9.34
C LYS A 123 -5.89 -36.23 -9.49
N GLN A 124 -5.60 -35.61 -10.62
CA GLN A 124 -5.96 -34.22 -10.78
C GLN A 124 -6.48 -33.92 -12.18
N ALA A 125 -6.88 -32.67 -12.39
CA ALA A 125 -7.51 -32.25 -13.64
C ALA A 125 -6.71 -32.27 -14.90
N TYR A 126 -7.42 -32.21 -16.01
CA TYR A 126 -6.78 -32.26 -17.31
C TYR A 126 -7.71 -31.95 -18.46
N CYS A 127 -7.10 -31.66 -19.60
CA CYS A 127 -7.80 -31.37 -20.84
C CYS A 127 -7.10 -32.26 -21.83
N GLU A 128 -7.87 -32.98 -22.61
CA GLU A 128 -7.28 -33.87 -23.58
C GLU A 128 -7.21 -33.16 -24.91
N HIS A 129 -8.18 -32.28 -25.17
CA HIS A 129 -8.22 -31.49 -26.40
C HIS A 129 -7.09 -30.46 -26.36
N ASP A 130 -6.58 -30.18 -25.17
CA ASP A 130 -5.49 -29.22 -24.99
C ASP A 130 -4.20 -29.84 -24.40
N LYS A 131 -4.25 -31.14 -24.12
CA LYS A 131 -3.11 -31.87 -23.58
C LYS A 131 -2.35 -31.15 -22.46
N MET A 132 -3.09 -30.59 -21.50
CA MET A 132 -2.49 -29.87 -20.37
C MET A 132 -3.32 -29.98 -19.08
N PHE A 133 -2.63 -29.98 -17.93
CA PHE A 133 -3.31 -30.04 -16.64
C PHE A 133 -4.15 -28.77 -16.46
N LEU A 134 -5.09 -28.81 -15.52
CA LEU A 134 -5.95 -27.64 -15.31
C LEU A 134 -6.02 -27.12 -13.87
N PRO A 135 -4.91 -26.52 -13.39
CA PRO A 135 -4.74 -25.93 -12.05
C PRO A 135 -5.75 -24.80 -11.70
N ASP A 136 -5.91 -24.57 -10.39
CA ASP A 136 -6.84 -23.58 -9.85
C ASP A 136 -7.77 -22.80 -10.83
N ARG A 137 -7.40 -21.55 -11.11
CA ARG A 137 -8.16 -20.63 -11.95
C ARG A 137 -8.59 -21.06 -13.37
N PHE A 138 -8.44 -22.35 -13.72
CA PHE A 138 -8.88 -22.89 -15.04
C PHE A 138 -10.20 -23.57 -14.91
N VAL A 139 -10.62 -23.67 -13.67
CA VAL A 139 -11.88 -24.27 -13.40
C VAL A 139 -12.91 -23.31 -13.98
N ILE A 140 -13.90 -23.88 -14.65
CA ILE A 140 -14.97 -23.08 -15.20
C ILE A 140 -16.24 -23.87 -14.98
N GLY A 141 -16.98 -23.53 -13.93
CA GLY A 141 -18.21 -24.22 -13.63
C GLY A 141 -19.19 -23.44 -12.78
N THR A 142 -20.19 -24.13 -12.23
CA THR A 142 -21.17 -23.49 -11.36
C THR A 142 -20.54 -23.30 -10.00
N CYS A 143 -21.15 -22.44 -9.19
CA CYS A 143 -20.60 -22.07 -7.88
C CYS A 143 -20.67 -23.03 -6.70
N PRO A 144 -19.81 -22.77 -5.70
CA PRO A 144 -19.72 -23.55 -4.45
C PRO A 144 -20.30 -22.78 -3.23
N TYR A 145 -21.62 -22.65 -3.23
CA TYR A 145 -22.45 -21.97 -2.23
C TYR A 145 -23.75 -21.58 -2.94
N CYS A 146 -23.66 -20.87 -4.06
CA CYS A 146 -24.88 -20.37 -4.72
C CYS A 146 -25.38 -20.84 -6.08
N GLY A 147 -24.50 -21.25 -6.99
CA GLY A 147 -25.01 -21.77 -8.24
C GLY A 147 -25.06 -20.80 -9.40
N ALA A 148 -23.91 -20.22 -9.76
CA ALA A 148 -23.86 -19.27 -10.88
C ALA A 148 -22.93 -19.79 -11.97
N GLU A 149 -23.20 -19.45 -13.23
CA GLU A 149 -22.36 -19.92 -14.34
C GLU A 149 -21.00 -19.23 -14.39
N ASP A 150 -19.96 -20.01 -14.67
CA ASP A 150 -18.58 -19.54 -14.77
C ASP A 150 -17.99 -18.98 -13.46
N GLN A 151 -17.21 -19.81 -12.76
CA GLN A 151 -16.57 -19.42 -11.49
C GLN A 151 -15.12 -19.92 -11.45
N LYS A 152 -14.18 -18.99 -11.31
CA LYS A 152 -12.76 -19.35 -11.28
C LYS A 152 -12.11 -19.01 -9.94
N GLY A 153 -10.95 -19.60 -9.68
CA GLY A 153 -10.19 -19.38 -8.45
C GLY A 153 -11.04 -19.34 -7.19
N ASP A 154 -10.94 -18.25 -6.45
CA ASP A 154 -11.66 -18.12 -5.19
C ASP A 154 -12.15 -16.71 -4.80
N GLN A 155 -12.89 -15.98 -5.65
CA GLN A 155 -13.30 -14.61 -5.28
C GLN A 155 -14.78 -14.36 -5.57
N CYS A 156 -15.18 -14.78 -6.77
CA CYS A 156 -16.55 -14.70 -7.26
C CYS A 156 -17.04 -13.40 -7.83
N GLU A 157 -18.35 -13.29 -7.75
CA GLU A 157 -19.08 -12.16 -8.26
C GLU A 157 -20.52 -12.40 -7.83
N VAL A 158 -20.68 -13.40 -6.98
CA VAL A 158 -22.00 -13.75 -6.51
C VAL A 158 -22.26 -13.56 -5.01
N CYS A 159 -21.48 -14.25 -4.19
CA CYS A 159 -21.66 -14.27 -2.74
C CYS A 159 -20.43 -15.00 -2.36
N GLY A 160 -20.09 -15.84 -3.33
CA GLY A 160 -18.96 -16.73 -3.29
C GLY A 160 -17.62 -16.06 -3.03
N ARG A 161 -16.95 -16.64 -2.06
CA ARG A 161 -15.63 -16.23 -1.66
C ARG A 161 -15.09 -17.61 -1.35
N PRO A 162 -13.97 -17.94 -1.98
CA PRO A 162 -13.27 -19.22 -1.84
C PRO A 162 -14.05 -20.49 -2.19
N LEU A 163 -14.01 -20.86 -3.46
CA LEU A 163 -14.70 -22.04 -3.98
C LEU A 163 -13.69 -23.02 -4.62
N THR A 164 -13.13 -23.91 -3.80
CA THR A 164 -12.16 -24.88 -4.30
C THR A 164 -12.56 -25.36 -5.70
N PRO A 165 -11.58 -25.52 -6.60
CA PRO A 165 -11.79 -25.96 -7.98
C PRO A 165 -12.64 -27.21 -8.19
N GLU A 166 -12.84 -28.01 -7.15
CA GLU A 166 -13.61 -29.25 -7.30
C GLU A 166 -15.05 -29.23 -6.82
N ILE A 167 -15.35 -28.40 -5.83
CA ILE A 167 -16.71 -28.30 -5.33
C ILE A 167 -17.56 -27.58 -6.40
N LEU A 168 -16.90 -27.20 -7.49
CA LEU A 168 -17.56 -26.53 -8.60
C LEU A 168 -18.32 -27.56 -9.43
N ILE A 169 -19.55 -27.20 -9.78
CA ILE A 169 -20.44 -28.04 -10.56
C ILE A 169 -20.15 -27.92 -12.06
N ASN A 170 -20.28 -29.02 -12.78
CA ASN A 170 -20.03 -29.06 -14.22
C ASN A 170 -18.61 -28.61 -14.59
N PRO A 171 -17.59 -29.36 -14.13
CA PRO A 171 -16.21 -29.01 -14.44
C PRO A 171 -15.87 -29.07 -15.92
N ARG A 172 -15.61 -27.90 -16.51
CA ARG A 172 -15.26 -27.79 -17.92
C ARG A 172 -14.07 -26.87 -18.06
N CYS A 173 -13.03 -27.35 -18.73
CA CYS A 173 -11.84 -26.55 -18.93
C CYS A 173 -12.21 -25.16 -19.44
N ALA A 174 -11.62 -24.13 -18.84
CA ALA A 174 -11.91 -22.76 -19.23
C ALA A 174 -11.38 -22.43 -20.63
N ILE A 175 -10.19 -22.93 -20.98
CA ILE A 175 -9.63 -22.65 -22.29
C ILE A 175 -10.51 -23.03 -23.47
N CYS A 176 -11.13 -24.21 -23.44
CA CYS A 176 -11.98 -24.62 -24.55
C CYS A 176 -13.37 -25.15 -24.18
N GLY A 177 -13.71 -25.11 -22.90
CA GLY A 177 -15.02 -25.58 -22.47
C GLY A 177 -15.20 -27.09 -22.40
N ARG A 178 -14.17 -27.83 -22.80
CA ARG A 178 -14.21 -29.28 -22.76
C ARG A 178 -14.32 -29.76 -21.32
N PRO A 179 -15.35 -30.57 -21.00
CA PRO A 179 -15.50 -31.06 -19.63
C PRO A 179 -14.18 -31.72 -19.19
N ILE A 180 -13.68 -31.29 -18.03
CA ILE A 180 -12.42 -31.79 -17.48
C ILE A 180 -12.18 -33.30 -17.55
N SER A 181 -10.92 -33.69 -17.44
CA SER A 181 -10.51 -35.09 -17.45
C SER A 181 -9.65 -35.30 -16.19
N PHE A 182 -9.29 -36.55 -15.89
CA PHE A 182 -8.49 -36.81 -14.68
C PHE A 182 -7.22 -37.63 -14.86
N ARG A 183 -6.09 -36.98 -14.74
CA ARG A 183 -4.78 -37.61 -14.88
C ARG A 183 -4.01 -37.41 -13.57
N ASP A 184 -3.47 -38.49 -13.00
CA ASP A 184 -2.75 -38.41 -11.73
C ASP A 184 -1.40 -37.73 -11.88
N SER A 185 -0.99 -36.98 -10.87
CA SER A 185 0.30 -36.26 -10.91
C SER A 185 1.04 -36.24 -9.57
N ALA A 186 2.35 -36.06 -9.64
CA ALA A 186 3.19 -36.03 -8.43
C ALA A 186 3.61 -34.63 -7.97
N HIS A 187 3.38 -34.33 -6.69
CA HIS A 187 3.76 -33.04 -6.12
C HIS A 187 4.38 -33.20 -4.75
N TYR A 188 5.33 -32.31 -4.42
CA TYR A 188 5.97 -32.34 -3.10
C TYR A 188 5.13 -31.49 -2.14
N TYR A 189 5.09 -31.89 -0.88
CA TYR A 189 4.32 -31.16 0.13
C TYR A 189 5.19 -30.83 1.32
N ILE A 190 4.72 -29.87 2.10
CA ILE A 190 5.43 -29.46 3.30
C ILE A 190 4.62 -29.91 4.51
N LYS A 191 5.27 -30.67 5.38
CA LYS A 191 4.64 -31.18 6.59
C LYS A 191 4.52 -30.04 7.60
N MET A 192 3.60 -29.12 7.32
CA MET A 192 3.41 -27.96 8.20
C MET A 192 3.36 -28.36 9.68
N GLN A 193 2.85 -29.57 9.93
CA GLN A 193 2.74 -30.08 11.28
C GLN A 193 4.07 -30.07 12.02
N ASP A 194 5.16 -30.17 11.26
CA ASP A 194 6.49 -30.18 11.83
C ASP A 194 6.83 -28.87 12.55
N PHE A 195 6.07 -27.80 12.26
CA PHE A 195 6.35 -26.51 12.88
C PHE A 195 5.22 -25.95 13.76
N ALA A 196 4.09 -26.63 13.81
CA ALA A 196 2.96 -26.18 14.62
C ALA A 196 3.37 -25.73 16.02
N GLU A 197 4.03 -26.61 16.76
CA GLU A 197 4.46 -26.32 18.12
C GLU A 197 5.42 -25.14 18.18
N ARG A 198 6.54 -25.26 17.47
CA ARG A 198 7.55 -24.23 17.43
C ARG A 198 6.92 -22.88 17.04
N LEU A 199 5.91 -22.94 16.19
CA LEU A 199 5.23 -21.72 15.76
C LEU A 199 4.47 -21.15 16.93
N LYS A 200 3.50 -21.91 17.43
CA LYS A 200 2.66 -21.51 18.56
C LYS A 200 3.52 -20.96 19.69
N ARG A 201 4.65 -21.59 19.93
CA ARG A 201 5.57 -21.16 20.99
C ARG A 201 6.11 -19.78 20.69
N TRP A 202 6.49 -19.55 19.43
CA TRP A 202 7.04 -18.26 19.00
C TRP A 202 5.99 -17.17 19.04
N ILE A 203 4.81 -17.48 18.52
CA ILE A 203 3.70 -16.55 18.50
C ILE A 203 3.38 -16.09 19.92
N GLU A 204 3.51 -17.01 20.88
CA GLU A 204 3.24 -16.70 22.28
C GLU A 204 3.98 -15.43 22.63
N LYS A 205 5.30 -15.56 22.73
CA LYS A 205 6.14 -14.43 23.08
C LYS A 205 6.27 -13.37 21.99
N GLN A 206 5.18 -12.67 21.71
CA GLN A 206 5.20 -11.61 20.72
C GLN A 206 4.10 -10.59 20.86
N PRO A 207 4.47 -9.31 20.75
CA PRO A 207 3.68 -8.08 20.84
C PRO A 207 2.58 -7.83 19.83
N TRP A 208 1.90 -8.89 19.38
CA TRP A 208 0.83 -8.70 18.42
C TRP A 208 -0.49 -8.57 19.19
N LYS A 209 -1.50 -7.95 18.58
CA LYS A 209 -2.77 -7.81 19.26
C LYS A 209 -3.51 -9.16 19.31
N PRO A 210 -4.10 -9.48 20.47
CA PRO A 210 -4.84 -10.73 20.69
C PRO A 210 -5.79 -11.06 19.56
N ASN A 211 -6.52 -10.05 19.09
CA ASN A 211 -7.47 -10.25 18.00
C ASN A 211 -6.83 -10.99 16.83
N VAL A 212 -5.50 -11.09 16.86
CA VAL A 212 -4.77 -11.76 15.82
C VAL A 212 -4.06 -12.95 16.46
N LYS A 213 -3.11 -12.61 17.33
CA LYS A 213 -2.32 -13.58 18.07
C LYS A 213 -3.16 -14.80 18.42
N ASN A 214 -4.30 -14.56 19.07
CA ASN A 214 -5.20 -15.63 19.48
C ASN A 214 -5.83 -16.37 18.31
N MET A 215 -6.59 -15.65 17.49
CA MET A 215 -7.25 -16.25 16.33
C MET A 215 -6.26 -17.11 15.56
N VAL A 216 -5.00 -16.69 15.55
CA VAL A 216 -3.95 -17.43 14.87
C VAL A 216 -3.74 -18.76 15.61
N LEU A 217 -3.54 -18.65 16.93
CA LEU A 217 -3.35 -19.82 17.79
C LEU A 217 -4.45 -20.85 17.55
N SER A 218 -5.70 -20.40 17.55
CA SER A 218 -6.83 -21.28 17.29
C SER A 218 -6.59 -22.02 15.98
N TRP A 219 -6.46 -21.26 14.88
CA TRP A 219 -6.20 -21.80 13.55
C TRP A 219 -5.15 -22.90 13.59
N ILE A 220 -4.18 -22.77 14.48
CA ILE A 220 -3.10 -23.75 14.61
C ILE A 220 -3.50 -24.90 15.52
N GLU A 221 -4.40 -24.62 16.44
CA GLU A 221 -4.89 -25.59 17.41
C GLU A 221 -5.43 -26.88 16.80
N GLU A 222 -5.53 -26.94 15.47
CA GLU A 222 -6.02 -28.17 14.84
C GLU A 222 -5.21 -28.60 13.65
N GLY A 223 -3.98 -29.02 13.92
CA GLY A 223 -3.09 -29.48 12.88
C GLY A 223 -2.90 -28.55 11.70
N LEU A 224 -1.82 -28.79 10.99
CA LEU A 224 -1.47 -28.03 9.80
C LEU A 224 -1.33 -29.07 8.71
N GLU A 225 -2.36 -29.20 7.86
CA GLU A 225 -2.32 -30.19 6.80
C GLU A 225 -1.19 -29.94 5.81
N GLU A 226 -0.40 -30.99 5.55
CA GLU A 226 0.71 -30.90 4.61
C GLU A 226 0.22 -30.19 3.37
N ARG A 227 0.76 -29.02 3.10
CA ARG A 227 0.36 -28.26 1.93
C ARG A 227 1.27 -28.46 0.75
N ALA A 228 0.69 -28.54 -0.44
CA ALA A 228 1.45 -28.72 -1.66
C ALA A 228 2.18 -27.41 -2.00
N ILE A 229 3.42 -27.54 -2.48
CA ILE A 229 4.21 -26.38 -2.81
C ILE A 229 4.77 -26.51 -4.21
N THR A 230 4.11 -27.30 -5.03
CA THR A 230 4.53 -27.54 -6.42
C THR A 230 3.31 -27.32 -7.29
N ARG A 231 3.53 -27.13 -8.59
CA ARG A 231 2.42 -26.94 -9.51
C ARG A 231 2.68 -27.37 -10.95
N ASP A 232 1.57 -27.72 -11.62
CA ASP A 232 1.63 -28.14 -13.02
C ASP A 232 1.39 -26.94 -13.92
N LEU A 233 2.30 -25.98 -13.86
CA LEU A 233 2.23 -24.76 -14.67
C LEU A 233 3.44 -24.66 -15.57
N ASN A 234 3.25 -24.01 -16.72
CA ASN A 234 4.33 -23.86 -17.68
C ASN A 234 5.07 -22.53 -17.47
N TRP A 235 4.59 -21.76 -16.50
CA TRP A 235 5.17 -20.48 -16.17
C TRP A 235 5.54 -20.51 -14.69
N GLY A 236 6.79 -20.22 -14.39
CA GLY A 236 7.24 -20.22 -13.01
C GLY A 236 8.65 -20.71 -12.75
N ILE A 237 8.98 -20.83 -11.48
CA ILE A 237 10.30 -21.30 -11.09
C ILE A 237 10.36 -22.83 -11.00
N PRO A 238 11.15 -23.47 -11.88
CA PRO A 238 11.35 -24.92 -11.97
C PRO A 238 11.78 -25.56 -10.65
N VAL A 239 11.19 -26.71 -10.30
CA VAL A 239 11.60 -27.40 -9.06
C VAL A 239 12.99 -27.94 -9.39
N PRO A 240 13.99 -27.66 -8.52
CA PRO A 240 15.38 -28.11 -8.72
C PRO A 240 15.58 -29.57 -9.08
N LEU A 241 14.93 -30.46 -8.35
CA LEU A 241 15.06 -31.89 -8.58
C LEU A 241 15.11 -32.35 -10.04
N ASP A 242 16.22 -32.98 -10.41
CA ASP A 242 16.41 -33.50 -11.77
C ASP A 242 15.94 -34.95 -11.86
N GLU A 243 14.61 -35.10 -12.00
CA GLU A 243 13.93 -36.39 -12.09
C GLU A 243 13.04 -36.21 -13.31
N GLU A 244 12.40 -37.26 -13.82
CA GLU A 244 11.57 -37.09 -15.02
C GLU A 244 10.12 -36.79 -14.67
N ASP A 245 9.76 -37.05 -13.42
CA ASP A 245 8.38 -36.81 -12.97
C ASP A 245 8.16 -35.36 -12.57
N MET A 246 9.24 -34.68 -12.18
CA MET A 246 9.14 -33.29 -11.78
C MET A 246 9.45 -32.37 -12.94
N LYS A 247 9.55 -32.94 -14.15
CA LYS A 247 9.82 -32.15 -15.35
C LYS A 247 8.57 -31.32 -15.66
N GLY A 248 8.79 -30.09 -16.12
CA GLY A 248 7.68 -29.23 -16.45
C GLY A 248 6.85 -28.88 -15.22
N LYS A 249 7.49 -28.80 -14.07
CA LYS A 249 6.76 -28.44 -12.87
C LYS A 249 7.42 -27.23 -12.25
N VAL A 250 6.67 -26.51 -11.43
CA VAL A 250 7.16 -25.28 -10.84
C VAL A 250 6.81 -25.18 -9.35
N LEU A 251 7.48 -24.27 -8.66
CA LEU A 251 7.21 -24.04 -7.25
C LEU A 251 5.93 -23.22 -7.13
N TYR A 252 4.99 -23.70 -6.33
CA TYR A 252 3.75 -22.94 -6.12
C TYR A 252 4.12 -21.48 -5.78
N VAL A 253 3.59 -20.54 -6.56
CA VAL A 253 3.85 -19.13 -6.32
C VAL A 253 3.59 -18.85 -4.85
N TRP A 254 2.61 -19.58 -4.32
CA TRP A 254 2.20 -19.46 -2.93
C TRP A 254 3.35 -19.65 -1.97
N PHE A 255 4.34 -20.42 -2.42
CA PHE A 255 5.52 -20.75 -1.61
C PHE A 255 6.71 -19.81 -1.80
N GLU A 256 7.01 -19.49 -3.05
CA GLU A 256 8.14 -18.64 -3.41
C GLU A 256 7.90 -17.14 -3.21
N ALA A 257 6.67 -16.68 -3.47
CA ALA A 257 6.34 -15.27 -3.31
C ALA A 257 7.02 -14.51 -2.15
N PRO A 258 6.77 -14.92 -0.88
CA PRO A 258 7.37 -14.25 0.28
C PRO A 258 8.89 -14.20 0.23
N ILE A 259 9.47 -15.23 -0.38
CA ILE A 259 10.91 -15.32 -0.52
C ILE A 259 11.34 -14.10 -1.32
N GLY A 260 10.40 -13.53 -2.08
CA GLY A 260 10.67 -12.32 -2.84
C GLY A 260 11.13 -11.20 -1.93
N TYR A 261 10.60 -11.18 -0.70
CA TYR A 261 10.96 -10.20 0.32
C TYR A 261 12.48 -10.19 0.57
N ILE A 262 13.11 -11.36 0.44
CA ILE A 262 14.55 -11.46 0.65
C ILE A 262 15.26 -11.26 -0.68
N SER A 263 14.78 -11.96 -1.71
CA SER A 263 15.39 -11.88 -3.04
C SER A 263 15.69 -10.44 -3.46
N ILE A 264 14.64 -9.62 -3.45
CA ILE A 264 14.70 -8.23 -3.84
C ILE A 264 15.69 -7.45 -2.98
N THR A 265 15.63 -7.62 -1.65
CA THR A 265 16.56 -6.91 -0.77
C THR A 265 17.99 -7.22 -1.20
N ILE A 266 18.27 -8.49 -1.48
CA ILE A 266 19.58 -8.90 -1.93
C ILE A 266 19.88 -8.15 -3.20
N GLU A 267 18.92 -8.18 -4.13
CA GLU A 267 19.08 -7.48 -5.40
C GLU A 267 19.36 -6.01 -5.15
N HIS A 268 18.70 -5.46 -4.14
CA HIS A 268 18.87 -4.07 -3.80
C HIS A 268 20.31 -3.74 -3.43
N PHE A 269 20.84 -4.46 -2.44
CA PHE A 269 22.21 -4.23 -2.01
C PHE A 269 23.26 -4.53 -3.08
N LYS A 270 22.89 -5.38 -4.03
CA LYS A 270 23.82 -5.70 -5.12
C LYS A 270 24.02 -4.45 -5.95
N ARG A 271 22.94 -4.01 -6.61
CA ARG A 271 22.96 -2.84 -7.47
C ARG A 271 23.36 -1.58 -6.74
N ILE A 272 23.15 -1.55 -5.43
CA ILE A 272 23.50 -0.37 -4.64
C ILE A 272 25.02 -0.31 -4.46
N GLY A 273 25.71 -1.41 -4.74
CA GLY A 273 27.16 -1.40 -4.59
C GLY A 273 27.68 -2.09 -3.34
N LYS A 274 26.80 -2.39 -2.39
CA LYS A 274 27.21 -3.04 -1.14
C LYS A 274 26.60 -4.45 -1.06
N PRO A 275 27.01 -5.35 -1.97
CA PRO A 275 26.59 -6.74 -2.12
C PRO A 275 26.21 -7.59 -0.91
N ASN A 276 26.91 -7.44 0.21
CA ASN A 276 26.60 -8.27 1.36
C ASN A 276 25.82 -7.68 2.53
N GLU A 277 25.41 -6.41 2.47
CA GLU A 277 24.69 -5.83 3.60
C GLU A 277 23.34 -6.45 3.91
N TRP A 278 22.72 -7.08 2.91
CA TRP A 278 21.41 -7.71 3.10
C TRP A 278 21.37 -8.73 4.23
N LYS A 279 22.48 -9.43 4.44
CA LYS A 279 22.58 -10.45 5.48
C LYS A 279 22.15 -10.00 6.88
N LYS A 280 22.47 -8.77 7.25
CA LYS A 280 22.13 -8.26 8.57
C LYS A 280 20.64 -7.95 8.70
N TYR A 281 19.93 -7.82 7.59
CA TYR A 281 18.52 -7.50 7.68
C TYR A 281 17.61 -8.71 7.76
N TRP A 282 17.94 -9.78 7.04
CA TRP A 282 17.10 -10.97 7.06
C TRP A 282 17.64 -12.11 7.90
N LEU A 283 18.93 -12.03 8.23
CA LEU A 283 19.56 -13.05 9.05
C LEU A 283 19.64 -12.51 10.47
N ASN A 284 19.46 -13.40 11.45
CA ASN A 284 19.50 -13.06 12.86
C ASN A 284 20.93 -13.19 13.38
N ILE A 285 21.85 -12.33 12.91
CA ILE A 285 23.26 -12.35 13.35
C ILE A 285 23.36 -11.76 14.74
N ASP A 286 23.87 -10.55 14.98
CA ASP A 286 23.74 -10.17 16.37
C ASP A 286 22.36 -9.52 16.42
N GLY A 287 21.44 -10.48 16.33
CA GLY A 287 20.00 -10.30 16.25
C GLY A 287 19.25 -9.18 16.94
N GLN A 288 18.64 -8.34 16.12
CA GLN A 288 17.90 -7.20 16.61
C GLN A 288 17.25 -6.42 15.45
N THR A 289 17.00 -7.10 14.33
CA THR A 289 16.37 -6.43 13.21
C THR A 289 14.88 -6.66 13.36
N ARG A 290 14.11 -5.58 13.40
CA ARG A 290 12.69 -5.69 13.53
C ARG A 290 12.17 -5.78 12.10
N VAL A 291 11.64 -6.94 11.73
CA VAL A 291 11.11 -7.13 10.38
C VAL A 291 9.61 -6.85 10.35
N ILE A 292 9.21 -5.75 9.74
CA ILE A 292 7.79 -5.42 9.66
C ILE A 292 7.18 -5.77 8.28
N HIS A 293 5.99 -6.38 8.32
CA HIS A 293 5.27 -6.78 7.10
C HIS A 293 3.93 -6.06 6.95
N PHE A 294 3.90 -4.95 6.22
CA PHE A 294 2.62 -4.24 6.01
C PHE A 294 1.80 -5.03 5.01
N ILE A 295 0.63 -5.48 5.46
CA ILE A 295 -0.22 -6.31 4.62
C ILE A 295 -1.68 -6.01 4.82
N GLY A 296 -2.49 -6.78 4.12
CA GLY A 296 -3.92 -6.69 4.25
C GLY A 296 -4.33 -7.85 5.14
N LYS A 297 -5.43 -7.67 5.88
CA LYS A 297 -5.98 -8.67 6.81
C LYS A 297 -5.93 -10.08 6.23
N ASP A 298 -6.30 -10.22 4.96
CA ASP A 298 -6.29 -11.51 4.29
C ASP A 298 -4.94 -12.20 4.36
N ASN A 299 -3.87 -11.42 4.52
CA ASN A 299 -2.52 -11.99 4.56
C ASN A 299 -2.00 -12.41 5.94
N ILE A 300 -2.74 -12.08 7.00
CA ILE A 300 -2.31 -12.43 8.36
C ILE A 300 -1.94 -13.90 8.52
N PRO A 301 -2.88 -14.82 8.23
CA PRO A 301 -2.66 -16.27 8.33
C PRO A 301 -1.33 -16.67 7.70
N PHE A 302 -1.21 -16.41 6.41
CA PHE A 302 -0.03 -16.72 5.62
C PHE A 302 1.27 -16.19 6.25
N HIS A 303 1.24 -14.91 6.62
CA HIS A 303 2.39 -14.22 7.22
C HIS A 303 2.69 -14.59 8.68
N ALA A 304 1.71 -15.11 9.39
CA ALA A 304 1.92 -15.47 10.77
C ALA A 304 2.05 -16.98 10.96
N ILE A 305 1.89 -17.73 9.87
CA ILE A 305 1.98 -19.18 9.96
C ILE A 305 2.89 -19.86 8.93
N PHE A 306 2.42 -19.93 7.69
CA PHE A 306 3.16 -20.59 6.60
C PHE A 306 4.48 -19.93 6.23
N TRP A 307 4.47 -18.61 6.03
CA TRP A 307 5.69 -17.90 5.67
C TRP A 307 6.76 -18.12 6.74
N PRO A 308 6.40 -18.04 8.04
CA PRO A 308 7.40 -18.25 9.10
C PRO A 308 7.98 -19.67 9.03
N ALA A 309 7.11 -20.66 8.81
CA ALA A 309 7.51 -22.06 8.71
C ALA A 309 8.43 -22.27 7.52
N PHE A 310 8.11 -21.65 6.38
CA PHE A 310 8.96 -21.77 5.19
C PHE A 310 10.35 -21.35 5.64
N LEU A 311 10.43 -20.30 6.45
CA LEU A 311 11.71 -19.80 6.94
C LEU A 311 12.39 -20.81 7.86
N MET A 312 11.59 -21.44 8.74
CA MET A 312 12.13 -22.44 9.65
C MET A 312 12.63 -23.67 8.89
N ALA A 313 11.86 -24.12 7.91
CA ALA A 313 12.22 -25.28 7.11
C ALA A 313 13.61 -25.17 6.48
N TYR A 314 14.13 -23.95 6.46
CA TYR A 314 15.44 -23.63 5.89
C TYR A 314 16.37 -23.48 7.09
N GLY A 315 16.11 -24.25 8.13
CA GLY A 315 16.89 -24.16 9.35
C GLY A 315 18.17 -23.34 9.35
N LYS A 316 19.09 -23.69 8.47
CA LYS A 316 20.41 -23.04 8.43
C LYS A 316 20.84 -22.31 7.16
N TYR A 317 21.28 -21.07 7.28
CA TYR A 317 21.80 -20.35 6.12
C TYR A 317 23.25 -20.40 6.46
N LYS A 318 24.12 -20.81 5.54
CA LYS A 318 25.49 -20.93 5.99
C LYS A 318 26.71 -20.96 5.11
N ASP A 319 27.24 -19.80 4.72
CA ASP A 319 28.51 -19.87 4.03
C ASP A 319 29.33 -18.60 3.89
N GLU A 320 30.59 -18.77 4.32
CA GLU A 320 31.63 -17.75 4.29
C GLU A 320 31.37 -16.66 5.32
N GLU A 321 30.17 -16.65 5.88
CA GLU A 321 29.84 -15.73 6.94
C GLU A 321 28.94 -16.52 7.86
N VAL A 322 28.66 -16.00 9.05
CA VAL A 322 27.87 -16.74 10.03
C VAL A 322 26.76 -17.67 9.59
N GLU A 323 26.70 -18.87 10.17
CA GLU A 323 25.61 -19.77 9.84
C GLU A 323 24.59 -19.36 10.85
N ALA A 324 23.77 -18.38 10.47
CA ALA A 324 22.73 -17.83 11.30
C ALA A 324 21.38 -18.25 10.76
N GLU A 325 20.32 -17.81 11.42
CA GLU A 325 18.98 -18.14 10.99
C GLU A 325 18.20 -16.92 10.48
N TRP A 326 17.17 -17.19 9.69
CA TRP A 326 16.37 -16.12 9.16
C TRP A 326 15.57 -15.49 10.29
N ASN A 327 15.45 -14.16 10.27
CA ASN A 327 14.66 -13.47 11.29
C ASN A 327 13.22 -13.86 11.01
N LEU A 328 12.34 -13.60 11.97
CA LEU A 328 10.93 -13.91 11.78
C LEU A 328 10.15 -12.61 11.85
N PRO A 329 8.92 -12.60 11.32
CA PRO A 329 8.11 -11.39 11.34
C PRO A 329 8.08 -10.74 12.71
N TYR A 330 8.69 -9.56 12.84
CA TYR A 330 8.67 -8.87 14.12
C TYR A 330 7.21 -8.49 14.35
N ASP A 331 6.63 -7.88 13.33
CA ASP A 331 5.25 -7.46 13.37
C ASP A 331 4.63 -7.55 11.97
N ILE A 332 3.32 -7.69 11.92
CA ILE A 332 2.62 -7.81 10.65
C ILE A 332 1.38 -6.93 10.55
N PRO A 333 1.57 -5.60 10.54
CA PRO A 333 0.47 -4.63 10.45
C PRO A 333 -0.48 -4.93 9.30
N ALA A 334 -1.77 -5.08 9.60
CA ALA A 334 -2.73 -5.35 8.53
C ALA A 334 -3.90 -4.37 8.60
N ASN A 335 -4.48 -4.05 7.43
CA ASN A 335 -5.62 -3.13 7.39
C ASN A 335 -6.86 -3.78 6.79
N GLU A 336 -8.03 -3.33 7.24
CA GLU A 336 -9.28 -3.87 6.73
C GLU A 336 -9.47 -3.47 5.27
N TYR A 337 -10.64 -3.80 4.74
CA TYR A 337 -10.94 -3.48 3.34
C TYR A 337 -11.43 -2.05 3.23
N LEU A 338 -11.66 -1.63 1.99
CA LEU A 338 -12.13 -0.29 1.69
C LEU A 338 -13.35 -0.43 0.77
N THR A 339 -14.34 0.43 0.91
CA THR A 339 -15.49 0.34 0.01
C THR A 339 -15.63 1.64 -0.75
N LEU A 340 -16.37 1.59 -1.86
CA LEU A 340 -16.58 2.75 -2.69
C LEU A 340 -18.06 3.13 -2.73
N GLU A 341 -18.38 4.29 -2.16
CA GLU A 341 -19.75 4.77 -2.13
C GLU A 341 -20.72 3.70 -1.65
N GLY A 342 -20.35 2.99 -0.58
CA GLY A 342 -21.22 1.97 -0.02
C GLY A 342 -21.13 0.56 -0.56
N LYS A 343 -20.29 0.35 -1.57
CA LYS A 343 -20.16 -0.99 -2.14
C LYS A 343 -18.70 -1.37 -2.21
N LYS A 344 -18.41 -2.66 -2.25
CA LYS A 344 -17.02 -3.11 -2.28
C LYS A 344 -16.32 -2.91 -3.62
N PHE A 345 -15.00 -2.71 -3.58
CA PHE A 345 -14.22 -2.54 -4.79
C PHE A 345 -14.47 -3.78 -5.59
N SER A 346 -14.62 -3.64 -6.91
CA SER A 346 -14.90 -4.79 -7.74
C SER A 346 -14.28 -4.71 -9.12
N THR A 347 -13.24 -5.52 -9.38
CA THR A 347 -12.63 -5.50 -10.70
C THR A 347 -13.63 -6.00 -11.73
N SER A 348 -14.42 -6.99 -11.33
CA SER A 348 -15.45 -7.56 -12.19
C SER A 348 -16.43 -6.46 -12.53
N ARG A 349 -17.12 -5.94 -11.50
CA ARG A 349 -18.10 -4.87 -11.67
C ARG A 349 -17.42 -3.57 -12.12
N ASN A 350 -16.12 -3.61 -12.30
CA ASN A 350 -15.39 -2.43 -12.73
C ASN A 350 -15.77 -1.23 -11.83
N TRP A 351 -15.71 -1.46 -10.51
CA TRP A 351 -16.06 -0.43 -9.53
C TRP A 351 -14.95 -0.34 -8.49
N ALA A 352 -14.07 0.66 -8.66
CA ALA A 352 -12.94 0.87 -7.77
C ALA A 352 -12.31 2.20 -8.09
N ILE A 353 -11.40 2.64 -7.23
CA ILE A 353 -10.69 3.90 -7.45
C ILE A 353 -9.25 3.51 -7.79
N TRP A 354 -8.95 3.46 -9.09
CA TRP A 354 -7.62 3.10 -9.57
C TRP A 354 -6.65 4.26 -9.34
N VAL A 355 -5.58 4.00 -8.61
CA VAL A 355 -4.61 5.03 -8.32
C VAL A 355 -4.15 5.80 -9.54
N HIS A 356 -3.75 5.08 -10.59
CA HIS A 356 -3.25 5.73 -11.80
C HIS A 356 -4.29 6.61 -12.50
N GLU A 357 -5.54 6.20 -12.43
CA GLU A 357 -6.58 7.02 -13.05
C GLU A 357 -6.82 8.22 -12.16
N PHE A 358 -7.16 7.97 -10.90
CA PHE A 358 -7.43 9.03 -9.95
C PHE A 358 -6.31 10.06 -9.89
N LEU A 359 -5.06 9.60 -9.95
CA LEU A 359 -3.92 10.51 -9.90
C LEU A 359 -3.74 11.30 -11.21
N ASP A 360 -4.72 11.19 -12.11
CA ASP A 360 -4.68 11.92 -13.36
C ASP A 360 -5.42 13.24 -13.18
N VAL A 361 -6.27 13.29 -12.18
CA VAL A 361 -7.07 14.49 -11.91
C VAL A 361 -6.75 15.15 -10.56
N PHE A 362 -6.24 14.38 -9.60
CA PHE A 362 -5.94 14.98 -8.31
C PHE A 362 -4.52 14.72 -7.87
N PRO A 363 -3.91 15.71 -7.20
CA PRO A 363 -2.54 15.62 -6.70
C PRO A 363 -2.39 14.47 -5.69
N ALA A 364 -1.19 13.91 -5.61
CA ALA A 364 -0.93 12.82 -4.70
C ALA A 364 -1.21 13.10 -3.23
N ASP A 365 -1.02 14.35 -2.78
CA ASP A 365 -1.26 14.71 -1.39
C ASP A 365 -2.72 14.52 -1.04
N TYR A 366 -3.59 14.86 -1.99
CA TYR A 366 -5.02 14.75 -1.78
C TYR A 366 -5.43 13.31 -1.59
N LEU A 367 -4.85 12.42 -2.38
CA LEU A 367 -5.20 11.02 -2.28
C LEU A 367 -4.59 10.43 -1.03
N ARG A 368 -3.38 10.89 -0.70
CA ARG A 368 -2.72 10.38 0.47
C ARG A 368 -3.40 10.92 1.72
N TYR A 369 -3.80 12.19 1.68
CA TYR A 369 -4.45 12.78 2.85
C TYR A 369 -5.76 12.13 3.18
N TYR A 370 -6.68 12.17 2.23
CA TYR A 370 -8.00 11.60 2.41
C TYR A 370 -7.97 10.14 2.80
N LEU A 371 -7.15 9.35 2.11
CA LEU A 371 -7.05 7.92 2.42
C LEU A 371 -6.58 7.68 3.85
N THR A 372 -5.65 8.49 4.35
CA THR A 372 -5.17 8.33 5.72
C THR A 372 -6.28 8.76 6.67
N THR A 373 -7.09 9.68 6.18
CA THR A 373 -8.24 10.21 6.89
C THR A 373 -9.30 9.11 7.12
N ILE A 374 -9.25 8.09 6.28
CA ILE A 374 -10.20 7.01 6.36
C ILE A 374 -9.49 5.67 6.42
N MET A 375 -8.24 5.69 6.88
CA MET A 375 -7.45 4.48 6.99
C MET A 375 -8.30 3.36 7.58
N PRO A 376 -8.48 2.23 6.84
CA PRO A 376 -9.28 1.06 7.26
C PRO A 376 -8.60 0.35 8.41
N GLU A 377 -8.21 1.10 9.43
CA GLU A 377 -7.52 0.51 10.57
C GLU A 377 -8.29 -0.59 11.28
N THR A 378 -8.96 -0.26 12.37
CA THR A 378 -9.68 -1.28 13.13
C THR A 378 -10.90 -1.91 12.40
N ARG A 379 -11.32 -1.30 11.30
CA ARG A 379 -12.47 -1.81 10.54
C ARG A 379 -12.46 -1.33 9.10
N ASP A 380 -13.54 -1.61 8.37
CA ASP A 380 -13.62 -1.22 6.98
C ASP A 380 -14.02 0.24 6.91
N SER A 381 -13.61 0.94 5.85
CA SER A 381 -13.95 2.36 5.69
C SER A 381 -14.52 2.56 4.30
N ASP A 382 -15.31 3.60 4.12
CA ASP A 382 -15.90 3.85 2.80
C ASP A 382 -15.44 5.12 2.08
N PHE A 383 -14.85 4.93 0.90
CA PHE A 383 -14.39 6.03 0.07
C PHE A 383 -15.64 6.68 -0.51
N SER A 384 -15.72 8.00 -0.46
CA SER A 384 -16.89 8.73 -0.97
C SER A 384 -16.42 10.06 -1.55
N PHE A 385 -16.92 10.40 -2.73
CA PHE A 385 -16.49 11.64 -3.36
C PHE A 385 -16.86 12.92 -2.62
N SER A 386 -18.07 12.96 -2.06
CA SER A 386 -18.50 14.14 -1.33
C SER A 386 -17.64 14.27 -0.09
N ASP A 387 -17.28 13.13 0.47
CA ASP A 387 -16.44 13.06 1.67
C ASP A 387 -15.03 13.50 1.32
N PHE A 388 -14.56 13.10 0.15
CA PHE A 388 -13.23 13.45 -0.33
C PHE A 388 -13.04 14.97 -0.47
N LYS A 389 -13.86 15.62 -1.30
CA LYS A 389 -13.73 17.06 -1.52
C LYS A 389 -13.95 17.86 -0.26
N VAL A 390 -14.97 17.50 0.49
CA VAL A 390 -15.25 18.21 1.72
C VAL A 390 -14.08 18.16 2.71
N ARG A 391 -13.44 17.01 2.88
CA ARG A 391 -12.32 16.98 3.81
C ARG A 391 -11.16 17.81 3.28
N ILE A 392 -10.88 17.71 1.97
CA ILE A 392 -9.78 18.46 1.40
C ILE A 392 -9.97 19.96 1.54
N ASN A 393 -11.06 20.45 0.97
CA ASN A 393 -11.37 21.87 1.02
C ASN A 393 -11.57 22.43 2.43
N GLU A 394 -12.29 21.70 3.27
CA GLU A 394 -12.56 22.17 4.62
C GLU A 394 -11.38 22.03 5.55
N GLU A 395 -10.62 20.96 5.40
CA GLU A 395 -9.46 20.66 6.24
C GLU A 395 -8.14 21.08 5.63
N LEU A 396 -7.78 20.46 4.51
CA LEU A 396 -6.51 20.76 3.87
C LEU A 396 -6.40 22.19 3.32
N VAL A 397 -7.43 22.65 2.63
CA VAL A 397 -7.42 24.01 2.10
C VAL A 397 -7.69 25.04 3.20
N ASN A 398 -8.91 25.03 3.72
CA ASN A 398 -9.31 26.00 4.73
C ASN A 398 -8.52 26.03 6.02
N ASN A 399 -7.84 24.94 6.38
CA ASN A 399 -7.07 24.95 7.61
C ASN A 399 -5.56 24.96 7.44
N LEU A 400 -4.95 23.83 7.08
CA LEU A 400 -3.50 23.78 6.91
C LEU A 400 -3.02 24.82 5.91
N GLY A 401 -3.60 24.77 4.70
CA GLY A 401 -3.23 25.69 3.65
C GLY A 401 -3.49 27.13 4.03
N ASN A 402 -4.62 27.36 4.67
CA ASN A 402 -4.99 28.69 5.12
C ASN A 402 -3.93 29.26 6.07
N PHE A 403 -3.63 28.53 7.14
CA PHE A 403 -2.63 28.98 8.09
C PHE A 403 -1.33 29.38 7.40
N VAL A 404 -0.71 28.39 6.73
CA VAL A 404 0.54 28.61 6.01
C VAL A 404 0.49 29.88 5.20
N HIS A 405 -0.58 30.08 4.44
CA HIS A 405 -0.73 31.28 3.60
C HIS A 405 -0.73 32.57 4.43
N ARG A 406 -1.60 32.61 5.44
CA ARG A 406 -1.68 33.76 6.31
C ARG A 406 -0.29 34.12 6.82
N ALA A 407 0.33 33.16 7.50
CA ALA A 407 1.66 33.32 8.08
C ALA A 407 2.62 34.00 7.15
N LEU A 408 2.90 33.39 6.00
CA LEU A 408 3.82 33.97 5.02
C LEU A 408 3.36 35.37 4.57
N THR A 409 2.08 35.46 4.20
CA THR A 409 1.51 36.72 3.76
C THR A 409 1.76 37.86 4.75
N PHE A 410 2.00 37.53 6.01
CA PHE A 410 2.24 38.56 7.00
C PHE A 410 3.71 38.87 7.16
N VAL A 411 4.53 37.84 7.27
CA VAL A 411 5.96 38.05 7.41
C VAL A 411 6.45 38.81 6.19
N ASN A 412 5.68 38.75 5.11
CA ASN A 412 6.02 39.42 3.86
C ASN A 412 5.48 40.85 3.79
N ARG A 413 4.37 41.10 4.47
CA ARG A 413 3.74 42.41 4.45
C ARG A 413 4.38 43.39 5.43
N TYR A 414 4.70 42.91 6.62
CA TYR A 414 5.26 43.78 7.64
C TYR A 414 6.76 43.64 7.88
N PHE A 415 7.41 42.66 7.26
CA PHE A 415 8.84 42.49 7.46
C PHE A 415 9.60 42.17 6.20
N ASP A 416 8.94 42.34 5.04
CA ASP A 416 9.58 42.02 3.78
C ASP A 416 10.17 40.63 3.89
N GLY A 417 9.32 39.66 4.20
CA GLY A 417 9.78 38.30 4.31
C GLY A 417 11.03 38.00 5.12
N VAL A 418 11.36 38.81 6.12
CA VAL A 418 12.53 38.50 6.94
C VAL A 418 12.07 38.10 8.34
N VAL A 419 12.56 36.97 8.84
CA VAL A 419 12.18 36.48 10.16
C VAL A 419 12.51 37.41 11.32
N PRO A 420 11.48 38.04 11.93
CA PRO A 420 11.60 38.97 13.06
C PRO A 420 12.24 38.31 14.26
N GLU A 421 12.83 39.13 15.13
CA GLU A 421 13.46 38.62 16.34
C GLU A 421 12.41 38.63 17.45
N ARG A 422 12.44 37.60 18.27
CA ARG A 422 11.49 37.41 19.35
C ARG A 422 11.76 38.19 20.63
N GLY A 423 10.76 38.91 21.11
CA GLY A 423 10.88 39.66 22.35
C GLY A 423 10.28 38.82 23.48
N GLU A 424 9.91 39.43 24.59
CA GLU A 424 9.34 38.64 25.67
C GLU A 424 8.20 37.77 25.16
N LEU A 425 8.01 36.61 25.79
CA LEU A 425 6.96 35.68 25.40
C LEU A 425 5.92 35.60 26.50
N ASP A 426 4.65 35.70 26.15
CA ASP A 426 3.59 35.60 27.12
C ASP A 426 3.14 34.14 27.14
N GLU A 427 1.98 33.85 27.73
CA GLU A 427 1.51 32.48 27.80
C GLU A 427 1.38 31.79 26.47
N LEU A 428 0.66 32.41 25.53
CA LEU A 428 0.48 31.77 24.23
C LEU A 428 1.81 31.56 23.51
N ASP A 429 2.70 32.55 23.55
CA ASP A 429 3.98 32.37 22.88
C ASP A 429 4.66 31.14 23.43
N ARG A 430 4.67 31.05 24.77
CA ARG A 430 5.29 29.95 25.52
C ARG A 430 4.65 28.61 25.18
N GLU A 431 3.32 28.62 25.09
CA GLU A 431 2.54 27.43 24.83
C GLU A 431 2.67 26.97 23.40
N ALA A 432 2.84 27.92 22.49
CA ALA A 432 2.96 27.63 21.08
C ALA A 432 4.24 26.86 20.77
N LEU A 433 5.36 27.27 21.34
CA LEU A 433 6.61 26.57 21.10
C LEU A 433 6.58 25.20 21.76
N GLU A 434 5.78 25.07 22.82
CA GLU A 434 5.64 23.81 23.53
C GLU A 434 4.81 22.83 22.70
N GLU A 435 3.75 23.35 22.08
CA GLU A 435 2.86 22.56 21.21
C GLU A 435 3.69 21.93 20.10
N ILE A 436 4.61 22.70 19.55
CA ILE A 436 5.47 22.18 18.51
C ILE A 436 6.20 20.94 19.04
N GLU A 437 6.71 21.03 20.25
CA GLU A 437 7.42 19.90 20.86
C GLU A 437 6.44 18.74 21.03
N LYS A 438 5.28 19.05 21.59
CA LYS A 438 4.26 18.03 21.84
C LYS A 438 3.93 17.24 20.58
N ALA A 439 3.66 17.96 19.49
CA ALA A 439 3.34 17.34 18.22
C ALA A 439 4.42 16.32 17.84
N PHE A 440 5.65 16.79 17.60
CA PHE A 440 6.72 15.87 17.23
C PHE A 440 6.71 14.62 18.09
N LYS A 441 6.57 14.81 19.39
CA LYS A 441 6.58 13.71 20.33
C LYS A 441 5.43 12.74 20.10
N GLU A 442 4.21 13.24 20.14
CA GLU A 442 3.03 12.40 19.97
C GLU A 442 2.83 11.81 18.58
N VAL A 443 2.99 12.62 17.54
CA VAL A 443 2.84 12.10 16.19
C VAL A 443 3.79 10.92 16.03
N GLY A 444 5.05 11.13 16.42
CA GLY A 444 6.01 10.06 16.32
C GLY A 444 5.55 8.76 16.96
N GLU A 445 5.00 8.84 18.17
CA GLU A 445 4.53 7.66 18.90
C GLU A 445 3.33 7.03 18.20
N LEU A 446 2.39 7.85 17.73
CA LEU A 446 1.23 7.32 17.05
C LEU A 446 1.62 6.53 15.82
N ILE A 447 2.66 6.98 15.13
CA ILE A 447 3.12 6.31 13.92
C ILE A 447 3.71 4.96 14.27
N MET A 448 4.68 4.94 15.19
CA MET A 448 5.32 3.70 15.59
C MET A 448 4.30 2.68 16.09
N ASN A 449 3.06 3.12 16.25
CA ASN A 449 2.01 2.23 16.73
C ASN A 449 0.97 1.95 15.65
N TYR A 450 1.24 2.39 14.43
CA TYR A 450 0.35 2.16 13.29
C TYR A 450 -0.95 2.92 13.40
N ARG A 451 -0.91 4.03 14.14
CA ARG A 451 -2.09 4.86 14.33
C ARG A 451 -1.92 6.08 13.42
N PHE A 452 -2.00 5.85 12.12
CA PHE A 452 -1.83 6.92 11.15
C PHE A 452 -2.98 7.92 11.09
N LYS A 453 -4.20 7.42 11.08
CA LYS A 453 -5.36 8.29 11.03
C LYS A 453 -5.31 9.29 12.19
N ASP A 454 -4.85 8.82 13.35
CA ASP A 454 -4.74 9.68 14.52
C ASP A 454 -3.47 10.50 14.49
N ALA A 455 -2.42 9.95 13.88
CA ALA A 455 -1.15 10.65 13.78
C ALA A 455 -1.35 11.89 12.89
N LEU A 456 -1.97 11.67 11.74
CA LEU A 456 -2.25 12.76 10.82
C LEU A 456 -3.14 13.81 11.49
N LYS A 457 -4.01 13.33 12.38
CA LYS A 457 -4.91 14.21 13.10
C LYS A 457 -4.13 15.08 14.08
N ARG A 458 -3.10 14.50 14.69
CA ARG A 458 -2.31 15.27 15.65
C ARG A 458 -1.64 16.41 14.90
N VAL A 459 -1.31 16.17 13.64
CA VAL A 459 -0.66 17.18 12.83
C VAL A 459 -1.67 18.26 12.41
N MET A 460 -2.80 17.85 11.88
CA MET A 460 -3.77 18.85 11.48
C MET A 460 -4.14 19.76 12.64
N SER A 461 -4.19 19.21 13.85
CA SER A 461 -4.57 20.00 15.02
C SER A 461 -3.52 21.06 15.31
N LEU A 462 -2.24 20.74 15.05
CA LEU A 462 -1.18 21.72 15.25
C LEU A 462 -1.45 22.91 14.30
N ALA A 463 -1.85 22.61 13.08
CA ALA A 463 -2.15 23.66 12.13
C ALA A 463 -3.37 24.39 12.69
N SER A 464 -4.33 23.63 13.21
CA SER A 464 -5.52 24.21 13.82
C SER A 464 -5.10 25.12 14.97
N PHE A 465 -4.09 24.70 15.71
CA PHE A 465 -3.58 25.47 16.83
C PHE A 465 -2.98 26.78 16.30
N GLY A 466 -2.27 26.69 15.18
CA GLY A 466 -1.65 27.86 14.59
C GLY A 466 -2.69 28.88 14.21
N ASN A 467 -3.75 28.43 13.55
CA ASN A 467 -4.80 29.34 13.14
C ASN A 467 -5.36 30.06 14.35
N ARG A 468 -5.73 29.32 15.39
CA ARG A 468 -6.27 29.92 16.61
C ARG A 468 -5.30 30.97 17.12
N TYR A 469 -4.04 30.56 17.26
CA TYR A 469 -2.97 31.44 17.72
C TYR A 469 -3.14 32.78 17.02
N PHE A 470 -3.03 32.75 15.71
CA PHE A 470 -3.17 33.93 14.88
C PHE A 470 -4.46 34.67 15.13
N ASP A 471 -5.58 33.95 15.03
CA ASP A 471 -6.90 34.53 15.23
C ASP A 471 -6.98 35.36 16.49
N HIS A 472 -6.39 34.88 17.57
CA HIS A 472 -6.45 35.67 18.77
C HIS A 472 -5.07 36.13 19.27
N LYS A 473 -4.44 36.91 18.42
CA LYS A 473 -3.13 37.50 18.63
C LYS A 473 -3.11 38.70 17.70
N GLN A 474 -4.08 38.69 16.80
CA GLN A 474 -4.37 39.74 15.80
C GLN A 474 -3.18 40.61 15.34
N PRO A 475 -2.25 40.02 14.58
CA PRO A 475 -1.05 40.67 14.03
C PRO A 475 -1.41 41.94 13.21
N TRP A 476 -2.53 41.92 12.46
CA TRP A 476 -2.97 43.03 11.60
C TRP A 476 -3.32 44.26 12.43
N LYS A 477 -3.64 44.03 13.70
CA LYS A 477 -3.95 45.11 14.61
C LYS A 477 -2.62 45.53 15.25
N THR A 478 -2.04 44.61 16.00
CA THR A 478 -0.77 44.81 16.68
C THR A 478 0.34 45.47 15.86
N ALA A 479 0.28 45.34 14.54
CA ALA A 479 1.30 45.92 13.67
C ALA A 479 1.23 47.44 13.57
N LYS A 480 0.07 48.00 13.93
CA LYS A 480 -0.13 49.44 13.88
C LYS A 480 0.10 50.06 15.27
N GLU A 481 0.60 49.26 16.20
CA GLU A 481 0.83 49.75 17.56
C GLU A 481 2.16 49.29 18.17
N ASP A 482 2.39 47.97 18.23
CA ASP A 482 3.61 47.44 18.81
C ASP A 482 4.38 46.52 17.85
N LYS A 483 5.33 47.10 17.11
CA LYS A 483 6.15 46.35 16.15
C LYS A 483 6.72 45.07 16.79
N VAL A 484 7.57 45.26 17.79
CA VAL A 484 8.21 44.17 18.52
C VAL A 484 7.22 43.04 18.82
N ARG A 485 6.01 43.43 19.21
CA ARG A 485 4.98 42.46 19.54
C ARG A 485 4.68 41.58 18.32
N THR A 486 4.25 42.22 17.25
CA THR A 486 3.94 41.54 15.99
C THR A 486 5.11 40.64 15.60
N GLY A 487 6.32 41.13 15.79
CA GLY A 487 7.50 40.37 15.44
C GLY A 487 7.50 39.01 16.09
N THR A 488 7.16 38.97 17.38
CA THR A 488 7.10 37.71 18.12
C THR A 488 6.03 36.81 17.51
N THR A 489 4.80 37.32 17.45
CA THR A 489 3.69 36.58 16.87
C THR A 489 4.16 35.96 15.56
N VAL A 490 4.66 36.80 14.66
CA VAL A 490 5.15 36.34 13.37
C VAL A 490 6.24 35.28 13.46
N ASN A 491 7.31 35.58 14.18
CA ASN A 491 8.39 34.60 14.35
C ASN A 491 7.81 33.27 14.84
N ILE A 492 6.99 33.34 15.89
CA ILE A 492 6.38 32.15 16.46
C ILE A 492 5.55 31.40 15.39
N SER A 493 4.73 32.15 14.67
CA SER A 493 3.87 31.56 13.65
C SER A 493 4.66 30.78 12.61
N LEU A 494 5.82 31.30 12.25
CA LEU A 494 6.65 30.65 11.25
C LEU A 494 7.28 29.37 11.82
N GLN A 495 7.62 29.40 13.11
CA GLN A 495 8.19 28.22 13.74
C GLN A 495 7.23 27.06 13.53
N ILE A 496 5.95 27.36 13.66
CA ILE A 496 4.90 26.38 13.51
C ILE A 496 4.82 25.94 12.05
N VAL A 497 5.14 26.84 11.13
CA VAL A 497 5.09 26.43 9.73
C VAL A 497 6.24 25.48 9.37
N LYS A 498 7.43 25.78 9.85
CA LYS A 498 8.61 24.96 9.59
C LYS A 498 8.41 23.57 10.17
N ALA A 499 7.78 23.53 11.34
CA ALA A 499 7.54 22.28 12.05
C ALA A 499 6.52 21.47 11.28
N LEU A 500 5.49 22.17 10.81
CA LEU A 500 4.41 21.55 10.06
C LEU A 500 5.05 21.03 8.77
N GLY A 501 6.20 21.59 8.44
CA GLY A 501 6.90 21.20 7.23
C GLY A 501 7.53 19.83 7.34
N ILE A 502 8.05 19.51 8.52
CA ILE A 502 8.68 18.23 8.73
C ILE A 502 7.64 17.20 9.07
N LEU A 503 6.74 17.54 9.98
CA LEU A 503 5.66 16.65 10.43
C LEU A 503 4.80 16.14 9.27
N LEU A 504 4.49 17.04 8.34
CA LEU A 504 3.68 16.64 7.19
C LEU A 504 4.37 15.59 6.32
N GLU A 505 5.64 15.82 6.01
CA GLU A 505 6.43 14.93 5.16
C GLU A 505 5.96 13.48 5.09
N PRO A 506 5.97 12.74 6.21
CA PRO A 506 5.54 11.33 6.18
C PRO A 506 4.19 11.13 5.50
N PHE A 507 3.31 12.11 5.61
CA PHE A 507 1.99 11.99 5.04
C PHE A 507 1.86 12.59 3.67
N LEU A 508 2.29 13.84 3.51
CA LEU A 508 2.20 14.51 2.21
C LEU A 508 3.54 15.09 1.82
N PRO A 509 4.36 14.29 1.15
CA PRO A 509 5.69 14.69 0.69
C PRO A 509 5.75 16.00 -0.08
N ASP A 510 4.80 16.20 -1.00
CA ASP A 510 4.76 17.40 -1.83
C ASP A 510 4.40 18.70 -1.14
N ALA A 511 3.41 18.63 -0.25
CA ALA A 511 3.01 19.82 0.51
C ALA A 511 4.12 20.09 1.51
N SER A 512 4.97 19.09 1.69
CA SER A 512 6.09 19.18 2.58
C SER A 512 7.22 19.95 1.92
N GLU A 513 7.54 19.61 0.67
CA GLU A 513 8.61 20.29 -0.06
C GLU A 513 8.12 21.70 -0.42
N LYS A 514 6.81 21.83 -0.63
CA LYS A 514 6.26 23.11 -0.97
C LYS A 514 6.54 24.07 0.18
N ILE A 515 6.25 23.63 1.40
CA ILE A 515 6.47 24.44 2.58
C ILE A 515 7.96 24.75 2.80
N TRP A 516 8.80 23.76 2.54
CA TRP A 516 10.24 23.91 2.71
C TRP A 516 10.80 24.97 1.77
N HIS A 517 10.24 25.06 0.57
CA HIS A 517 10.70 26.05 -0.40
C HIS A 517 10.20 27.43 0.02
N LEU A 518 8.95 27.51 0.45
CA LEU A 518 8.38 28.78 0.90
C LEU A 518 9.22 29.36 2.02
N LEU A 519 9.63 28.48 2.94
CA LEU A 519 10.46 28.85 4.07
C LEU A 519 11.89 29.00 3.56
N ASN A 520 12.09 28.62 2.31
CA ASN A 520 13.40 28.72 1.67
C ASN A 520 14.50 28.00 2.45
N LEU A 521 14.37 26.69 2.61
CA LEU A 521 15.35 25.91 3.39
C LEU A 521 16.19 24.85 2.65
N ASP A 522 17.46 24.71 3.04
CA ASP A 522 18.33 23.67 2.46
C ASP A 522 18.34 22.56 3.50
N GLU A 523 18.31 22.97 4.77
CA GLU A 523 18.30 22.06 5.90
C GLU A 523 17.73 20.70 5.55
N VAL A 524 18.52 19.66 5.78
CA VAL A 524 18.06 18.30 5.52
C VAL A 524 16.90 18.05 6.49
N LYS A 525 15.73 17.68 5.97
CA LYS A 525 14.56 17.41 6.83
C LYS A 525 14.80 16.33 7.89
N ARG A 526 14.55 16.65 9.15
CA ARG A 526 14.73 15.70 10.24
C ARG A 526 13.71 15.91 11.34
N TRP A 527 13.48 14.88 12.14
CA TRP A 527 12.50 14.95 13.19
C TRP A 527 12.89 15.83 14.40
N GLU A 528 14.16 16.18 14.53
CA GLU A 528 14.59 17.04 15.63
C GLU A 528 14.43 18.49 15.21
N PHE A 529 13.41 19.16 15.77
CA PHE A 529 13.12 20.56 15.43
C PHE A 529 14.11 21.63 15.90
N ARG A 530 14.32 22.62 15.03
CA ARG A 530 15.22 23.73 15.29
C ARG A 530 14.51 24.95 14.74
N GLU A 531 14.36 25.98 15.56
CA GLU A 531 13.68 27.19 15.14
C GLU A 531 14.29 27.87 13.92
N LEU A 532 13.48 28.72 13.30
CA LEU A 532 13.91 29.50 12.14
C LEU A 532 14.66 30.70 12.76
N PRO A 533 15.89 30.97 12.30
CA PRO A 533 16.68 32.09 12.84
C PRO A 533 16.16 33.45 12.42
N ALA A 534 16.39 34.45 13.27
CA ALA A 534 15.96 35.79 12.94
C ALA A 534 16.90 36.27 11.84
N GLY A 535 16.33 36.98 10.87
CA GLY A 535 17.13 37.49 9.77
C GLY A 535 17.12 36.53 8.61
N HIS A 536 16.36 35.46 8.75
CA HIS A 536 16.26 34.46 7.68
C HIS A 536 15.33 34.96 6.62
N LYS A 537 15.71 34.76 5.36
CA LYS A 537 14.91 35.22 4.24
C LYS A 537 13.93 34.21 3.68
N VAL A 538 12.65 34.50 3.88
CA VAL A 538 11.56 33.66 3.43
C VAL A 538 11.01 34.14 2.08
N ARG A 539 10.39 33.24 1.31
CA ARG A 539 9.85 33.56 -0.02
C ARG A 539 8.50 34.26 -0.01
N LYS A 540 8.08 34.75 -1.18
CA LYS A 540 6.79 35.45 -1.31
C LYS A 540 5.63 34.47 -1.21
N PRO A 541 4.53 34.89 -0.56
CA PRO A 541 3.35 34.05 -0.38
C PRO A 541 2.83 33.39 -1.63
N GLU A 542 2.82 32.06 -1.60
CA GLU A 542 2.33 31.25 -2.69
C GLU A 542 1.00 30.69 -2.18
N ILE A 543 0.51 29.63 -2.79
CA ILE A 543 -0.72 29.01 -2.34
C ILE A 543 -0.33 27.59 -2.05
N LEU A 544 -0.96 26.95 -1.07
CA LEU A 544 -0.58 25.59 -0.83
C LEU A 544 -1.49 24.62 -1.55
N PHE A 545 -2.79 24.83 -1.45
CA PHE A 545 -3.73 23.92 -2.08
C PHE A 545 -4.90 24.61 -2.74
N LYS A 546 -5.33 24.07 -3.87
CA LYS A 546 -6.45 24.61 -4.60
C LYS A 546 -7.64 23.72 -4.28
N LYS A 547 -8.76 24.32 -3.91
CA LYS A 547 -9.96 23.58 -3.57
C LYS A 547 -10.46 22.60 -4.62
N VAL A 548 -10.85 21.41 -4.21
CA VAL A 548 -11.40 20.41 -5.12
C VAL A 548 -12.70 20.96 -5.70
N THR A 549 -12.96 20.66 -6.96
CA THR A 549 -14.17 21.15 -7.63
C THR A 549 -15.18 20.06 -8.01
N ASP A 550 -16.40 20.48 -8.29
CA ASP A 550 -17.44 19.56 -8.70
C ASP A 550 -17.17 19.26 -10.16
N ASP A 551 -16.57 20.24 -10.84
CA ASP A 551 -16.22 20.08 -12.23
C ASP A 551 -15.24 18.94 -12.34
N GLN A 552 -14.37 18.83 -11.35
CA GLN A 552 -13.37 17.79 -11.32
C GLN A 552 -13.97 16.43 -11.06
N ILE A 553 -14.73 16.31 -9.98
CA ILE A 553 -15.36 15.05 -9.66
C ILE A 553 -16.20 14.54 -10.82
N ILE A 554 -17.03 15.41 -11.40
CA ILE A 554 -17.86 14.97 -12.52
C ILE A 554 -16.97 14.50 -13.66
N TYR A 555 -15.99 15.32 -14.02
CA TYR A 555 -15.09 14.95 -15.08
C TYR A 555 -14.51 13.57 -14.81
N PHE A 556 -14.10 13.33 -13.56
CA PHE A 556 -13.53 12.04 -13.20
C PHE A 556 -14.52 10.91 -13.39
N ILE A 557 -15.67 11.03 -12.70
CA ILE A 557 -16.74 10.04 -12.78
C ILE A 557 -17.09 9.76 -14.24
N LEU A 558 -17.33 10.81 -15.02
CA LEU A 558 -17.66 10.65 -16.43
C LEU A 558 -16.55 10.04 -17.27
N ASN A 559 -15.33 10.54 -17.12
CA ASN A 559 -14.18 10.09 -17.91
C ASN A 559 -13.61 8.71 -17.58
N TYR A 560 -13.68 8.30 -16.33
CA TYR A 560 -13.17 6.99 -15.94
C TYR A 560 -14.31 6.08 -15.53
N MET A 561 -14.87 6.32 -14.35
CA MET A 561 -15.98 5.54 -13.82
C MET A 561 -17.01 5.10 -14.85
N ALA A 562 -17.63 6.07 -15.53
CA ALA A 562 -18.69 5.85 -16.53
C ALA A 562 -18.51 4.67 -17.45
N LYS A 563 -17.75 4.81 -18.53
CA LYS A 563 -17.55 3.67 -19.40
C LYS A 563 -16.75 2.69 -18.56
N GLY A 564 -17.37 1.57 -18.23
CA GLY A 564 -16.74 0.55 -17.41
C GLY A 564 -17.86 0.17 -16.49
N ASN A 565 -18.70 1.17 -16.22
CA ASN A 565 -19.86 1.02 -15.38
C ASN A 565 -20.73 2.27 -15.44
N PRO A 566 -21.41 2.47 -16.56
CA PRO A 566 -22.29 3.63 -16.76
C PRO A 566 -23.37 3.80 -15.68
N GLU A 567 -23.94 2.69 -15.21
CA GLU A 567 -24.99 2.74 -14.20
C GLU A 567 -24.38 3.27 -12.91
N GLY A 568 -23.23 2.73 -12.54
CA GLY A 568 -22.56 3.18 -11.33
C GLY A 568 -22.38 4.68 -11.37
N ALA A 569 -21.93 5.17 -12.52
CA ALA A 569 -21.71 6.59 -12.71
C ALA A 569 -23.03 7.35 -12.57
N ARG A 570 -23.99 6.97 -13.39
CA ARG A 570 -25.31 7.60 -13.38
C ARG A 570 -25.82 7.73 -11.96
N ILE A 571 -25.81 6.63 -11.22
CA ILE A 571 -26.29 6.65 -9.84
C ILE A 571 -25.52 7.66 -8.99
N LEU A 572 -24.22 7.81 -9.23
CA LEU A 572 -23.45 8.76 -8.45
C LEU A 572 -23.77 10.19 -8.85
N LEU A 573 -23.81 10.42 -10.15
CA LEU A 573 -24.07 11.74 -10.69
C LEU A 573 -25.38 12.37 -10.21
N ASP A 574 -26.50 11.82 -10.63
CA ASP A 574 -27.78 12.38 -10.22
C ASP A 574 -28.11 12.08 -8.75
N LYS A 575 -27.07 11.96 -7.95
CA LYS A 575 -27.17 11.71 -6.51
C LYS A 575 -26.47 12.87 -5.82
N TYR A 576 -25.56 13.51 -6.55
CA TYR A 576 -24.79 14.64 -6.04
C TYR A 576 -25.09 15.85 -6.91
N TYR A 577 -25.42 15.60 -8.17
CA TYR A 577 -25.64 16.70 -9.10
C TYR A 577 -26.86 16.66 -10.02
N LYS A 578 -27.27 17.85 -10.45
CA LYS A 578 -28.39 18.01 -11.37
C LYS A 578 -27.89 17.69 -12.77
N ARG A 579 -28.72 17.04 -13.57
CA ARG A 579 -28.31 16.67 -14.92
C ARG A 579 -27.99 17.88 -15.80
N GLU A 580 -28.58 19.02 -15.48
CA GLU A 580 -28.31 20.23 -16.27
C GLU A 580 -26.89 20.74 -15.99
N ASP A 581 -26.34 20.36 -14.84
CA ASP A 581 -24.98 20.76 -14.47
C ASP A 581 -23.95 19.79 -15.06
N VAL A 582 -24.23 18.50 -14.97
CA VAL A 582 -23.32 17.49 -15.50
C VAL A 582 -23.12 17.70 -17.00
N ILE A 583 -24.23 18.00 -17.68
CA ILE A 583 -24.17 18.22 -19.12
C ILE A 583 -23.18 19.33 -19.40
N ARG A 584 -23.38 20.48 -18.75
CA ARG A 584 -22.51 21.63 -18.93
C ARG A 584 -21.04 21.24 -18.77
N VAL A 585 -20.72 20.55 -17.68
CA VAL A 585 -19.37 20.10 -17.43
C VAL A 585 -18.93 19.17 -18.56
N ALA A 586 -19.82 18.27 -18.95
CA ALA A 586 -19.53 17.32 -20.00
C ALA A 586 -19.35 18.02 -21.35
N LYS A 587 -20.19 19.02 -21.61
CA LYS A 587 -20.14 19.78 -22.86
C LYS A 587 -18.84 20.58 -22.96
N GLU A 588 -18.47 21.27 -21.88
CA GLU A 588 -17.26 22.06 -21.89
C GLU A 588 -16.06 21.24 -21.43
N LYS A 589 -16.10 19.93 -21.66
CA LYS A 589 -14.99 19.07 -21.26
C LYS A 589 -14.68 18.03 -22.32
N PHE A 590 -15.70 17.63 -23.07
CA PHE A 590 -15.52 16.62 -24.08
C PHE A 590 -15.80 17.08 -25.50
N GLY A 591 -15.85 18.40 -25.68
CA GLY A 591 -16.09 18.97 -26.99
C GLY A 591 -17.10 18.24 -27.86
N ASP A 592 -16.62 17.74 -29.00
CA ASP A 592 -17.45 17.04 -29.97
C ASP A 592 -17.72 15.58 -29.61
N GLU A 593 -17.80 15.27 -28.32
CA GLU A 593 -18.05 13.89 -27.92
C GLU A 593 -18.81 13.82 -26.61
N ALA A 594 -19.03 14.99 -26.01
CA ALA A 594 -19.75 15.09 -24.75
C ALA A 594 -21.10 14.41 -24.86
N GLU A 595 -21.75 14.62 -25.99
CA GLU A 595 -23.07 14.06 -26.26
C GLU A 595 -23.08 12.53 -26.23
N VAL A 596 -21.97 11.91 -26.63
CA VAL A 596 -21.86 10.46 -26.66
C VAL A 596 -21.27 9.95 -25.34
N VAL A 597 -21.76 10.52 -24.26
CA VAL A 597 -21.32 10.14 -22.94
C VAL A 597 -22.58 10.25 -22.12
N LEU A 598 -23.09 11.47 -22.04
CA LEU A 598 -24.29 11.75 -21.29
C LEU A 598 -25.39 10.75 -21.60
N ARG A 599 -25.51 10.36 -22.87
CA ARG A 599 -26.51 9.39 -23.30
C ARG A 599 -26.06 8.00 -22.85
N ARG A 600 -24.75 7.84 -22.70
CA ARG A 600 -24.16 6.58 -22.27
C ARG A 600 -24.35 6.33 -20.78
N VAL A 601 -24.54 7.39 -20.02
CA VAL A 601 -24.75 7.27 -18.58
C VAL A 601 -26.24 7.38 -18.30
N TYR A 602 -26.86 8.45 -18.77
CA TYR A 602 -28.28 8.62 -18.58
C TYR A 602 -28.87 7.88 -19.76
N LYS A 603 -29.19 6.61 -19.53
CA LYS A 603 -29.73 5.72 -20.56
C LYS A 603 -30.34 6.47 -21.73
N ASP A 604 -31.52 7.05 -21.55
CA ASP A 604 -32.14 7.81 -22.62
C ASP A 604 -32.29 9.27 -22.23
N ILE A 605 -31.88 10.16 -23.12
CA ILE A 605 -31.95 11.59 -22.89
C ILE A 605 -32.18 12.38 -24.19
N LYS A 606 -32.16 11.68 -25.33
CA LYS A 606 -32.37 12.33 -26.61
C LYS A 606 -33.45 11.63 -27.43
#